data_7XF3
#
_entry.id   7XF3
#
_cell.length_a   51.103
_cell.length_b   82.060
_cell.length_c   109.231
_cell.angle_alpha   90.000
_cell.angle_beta   90.000
_cell.angle_gamma   90.000
#
_symmetry.space_group_name_H-M   'P 21 21 21'
#
loop_
_entity.id
_entity.type
_entity.pdbx_description
1 polymer 'MHC class I antigen'
2 polymer Beta-2-microglobulin
3 polymer '9-mer peptide from Matrix protein 1'
4 water water
#
loop_
_entity_poly.entity_id
_entity_poly.type
_entity_poly.pdbx_seq_one_letter_code
_entity_poly.pdbx_strand_id
1 'polypeptide(L)'
;GSHSMRYFYTAMSRPGRGEPRFIAVGYVDDTQFVRFDSDAASPRMAPRAPWIEQEGPEYWDRETQISKTNTQTYRESLRN
LRGYYNQSEAGSHTLQRMYGCDVGPDGRLLRGHDQSAYDGKDYIALNEDLSSWTAADTAAQITQRKWEAAREAEQWRAYL
EGLCVEWLRRYLENGKETLQRADPPKTHVTHHPISDHEATLRCWALGFYPAEITLTWQRDGEDQTQDTELVETRPAGDRT
FQKWAAVVVPSGEEQRYTCHVQHEGLPKPLTLRWGG
;
A
2 'polypeptide(L)'
;IQRTPKIQVYSRHPAENGKSNFLNCYVSGFHPSDIEVDLLKNGERIEKVEHSDLSFSKDWSFYLLYYTEFTPTEKDEYAC
RVNHVTLSQPKIVKWDRDM
;
B
3 'polypeptide(L)' ALIGASICF C
#
# COMPACT_ATOMS: atom_id res chain seq x y z
N GLY A 1 -18.25 -7.54 8.08
CA GLY A 1 -18.07 -6.98 6.75
C GLY A 1 -17.39 -7.95 5.80
N SER A 2 -17.03 -7.47 4.62
CA SER A 2 -16.35 -8.29 3.64
C SER A 2 -14.84 -8.25 3.89
N HIS A 3 -14.13 -9.21 3.29
CA HIS A 3 -12.70 -9.33 3.56
C HIS A 3 -12.00 -9.78 2.29
N SER A 4 -10.68 -9.59 2.27
CA SER A 4 -9.89 -10.01 1.13
C SER A 4 -8.53 -10.51 1.61
N MET A 5 -7.93 -11.38 0.79
CA MET A 5 -6.53 -11.75 0.91
C MET A 5 -5.86 -11.46 -0.41
N ARG A 6 -4.67 -10.86 -0.36
CA ARG A 6 -3.90 -10.53 -1.54
C ARG A 6 -2.43 -10.81 -1.32
N TYR A 7 -1.81 -11.41 -2.33
CA TYR A 7 -0.36 -11.49 -2.42
C TYR A 7 0.16 -10.57 -3.52
N PHE A 8 1.29 -9.93 -3.25
CA PHE A 8 1.94 -8.99 -4.15
C PHE A 8 3.35 -9.48 -4.41
N TYR A 9 3.65 -9.84 -5.66
CA TYR A 9 5.00 -10.20 -6.11
C TYR A 9 5.63 -9.05 -6.88
N THR A 10 6.89 -8.78 -6.60
CA THR A 10 7.67 -7.83 -7.40
C THR A 10 9.02 -8.44 -7.72
N ALA A 11 9.35 -8.49 -9.02
CA ALA A 11 10.66 -8.94 -9.51
C ALA A 11 11.31 -7.79 -10.26
N MET A 12 12.56 -7.47 -9.92
CA MET A 12 13.23 -6.29 -10.44
C MET A 12 14.60 -6.69 -10.96
N SER A 13 14.84 -6.46 -12.24
CA SER A 13 16.18 -6.73 -12.75
C SER A 13 17.09 -5.53 -12.52
N ARG A 14 18.39 -5.78 -12.52
CA ARG A 14 19.40 -4.78 -12.20
C ARG A 14 20.71 -5.18 -12.85
N PRO A 15 20.80 -5.10 -14.18
CA PRO A 15 21.99 -5.62 -14.88
C PRO A 15 23.27 -4.99 -14.34
N GLY A 16 24.28 -5.84 -14.09
CA GLY A 16 25.52 -5.39 -13.51
C GLY A 16 25.54 -5.37 -12.00
N ARG A 17 24.41 -5.66 -11.36
CA ARG A 17 24.26 -5.61 -9.91
C ARG A 17 23.62 -6.89 -9.39
N GLY A 18 23.94 -8.03 -10.01
CA GLY A 18 23.42 -9.29 -9.56
C GLY A 18 22.14 -9.67 -10.28
N GLU A 19 21.58 -10.78 -9.87
CA GLU A 19 20.38 -11.32 -10.50
C GLU A 19 19.15 -10.57 -9.99
N PRO A 20 18.02 -10.67 -10.69
CA PRO A 20 16.84 -9.88 -10.29
C PRO A 20 16.35 -10.22 -8.89
N ARG A 21 15.99 -9.19 -8.15
CA ARG A 21 15.44 -9.34 -6.82
C ARG A 21 13.97 -9.74 -6.89
N PHE A 22 13.57 -10.67 -6.01
CA PHE A 22 12.18 -11.13 -5.93
C PHE A 22 11.66 -10.88 -4.52
N ILE A 23 10.53 -10.16 -4.42
CA ILE A 23 9.85 -9.85 -3.16
C ILE A 23 8.39 -10.34 -3.24
N ALA A 24 7.91 -10.94 -2.14
CA ALA A 24 6.52 -11.32 -2.02
C ALA A 24 6.02 -10.84 -0.66
N VAL A 25 4.85 -10.19 -0.63
CA VAL A 25 4.19 -9.84 0.62
C VAL A 25 2.73 -10.28 0.55
N GLY A 26 2.18 -10.64 1.68
CA GLY A 26 0.78 -11.07 1.77
C GLY A 26 0.01 -10.19 2.72
N TYR A 27 -1.23 -9.89 2.37
CA TYR A 27 -2.12 -9.06 3.16
C TYR A 27 -3.45 -9.75 3.36
N VAL A 28 -4.03 -9.56 4.54
CA VAL A 28 -5.46 -9.73 4.77
C VAL A 28 -6.02 -8.35 5.03
N ASP A 29 -6.98 -7.91 4.20
CA ASP A 29 -7.52 -6.54 4.30
C ASP A 29 -6.32 -5.59 4.25
N ASP A 30 -6.17 -4.65 5.20
CA ASP A 30 -5.03 -3.76 5.20
C ASP A 30 -3.96 -4.16 6.20
N THR A 31 -3.84 -5.46 6.51
CA THR A 31 -2.87 -5.95 7.48
C THR A 31 -1.88 -6.85 6.75
N GLN A 32 -0.63 -6.43 6.64
CA GLN A 32 0.41 -7.32 6.11
C GLN A 32 0.66 -8.45 7.11
N PHE A 33 0.83 -9.67 6.61
CA PHE A 33 1.09 -10.78 7.53
C PHE A 33 2.27 -11.67 7.18
N VAL A 34 2.81 -11.62 5.94
CA VAL A 34 4.02 -12.38 5.60
C VAL A 34 4.86 -11.56 4.63
N ARG A 35 6.16 -11.89 4.59
CA ARG A 35 7.09 -11.30 3.63
C ARG A 35 8.17 -12.31 3.28
N PHE A 36 8.65 -12.20 2.04
CA PHE A 36 9.80 -12.93 1.51
C PHE A 36 10.62 -11.96 0.68
N ASP A 37 11.95 -12.03 0.82
CA ASP A 37 12.87 -11.15 0.09
C ASP A 37 14.06 -11.98 -0.35
N SER A 38 14.28 -12.11 -1.66
CA SER A 38 15.39 -12.94 -2.11
C SER A 38 16.74 -12.32 -1.81
N ASP A 39 16.79 -11.03 -1.46
CA ASP A 39 18.07 -10.43 -1.10
C ASP A 39 18.48 -10.68 0.34
N ALA A 40 17.62 -11.32 1.14
CA ALA A 40 17.93 -11.54 2.56
C ALA A 40 19.06 -12.54 2.73
N ALA A 41 19.78 -12.41 3.85
CA ALA A 41 20.89 -13.30 4.14
C ALA A 41 20.48 -14.77 4.04
N SER A 42 19.36 -15.12 4.67
CA SER A 42 18.77 -16.47 4.57
C SER A 42 17.32 -16.28 4.16
N PRO A 43 17.03 -16.28 2.86
CA PRO A 43 15.66 -15.99 2.41
C PRO A 43 14.69 -17.03 2.94
N ARG A 44 13.65 -16.54 3.62
CA ARG A 44 12.58 -17.38 4.13
C ARG A 44 11.32 -16.54 4.12
N MET A 45 10.18 -17.21 3.94
CA MET A 45 8.93 -16.52 4.23
C MET A 45 8.84 -16.29 5.74
N ALA A 46 8.53 -15.06 6.13
CA ALA A 46 8.61 -14.67 7.53
C ALA A 46 7.32 -14.01 7.99
N PRO A 47 6.97 -14.16 9.28
CA PRO A 47 5.75 -13.53 9.80
C PRO A 47 5.88 -12.03 9.95
N ARG A 48 4.78 -11.32 9.70
CA ARG A 48 4.70 -9.88 9.94
C ARG A 48 3.47 -9.48 10.74
N ALA A 49 2.73 -10.46 11.27
CA ALA A 49 1.57 -10.25 12.15
C ALA A 49 1.56 -11.35 13.21
N PRO A 50 1.17 -11.03 14.45
CA PRO A 50 1.25 -12.06 15.50
C PRO A 50 0.37 -13.28 15.25
N TRP A 51 -0.78 -13.13 14.60
CA TRP A 51 -1.67 -14.27 14.45
C TRP A 51 -1.18 -15.30 13.43
N ILE A 52 -0.22 -14.96 12.57
CA ILE A 52 0.30 -15.99 11.68
C ILE A 52 1.40 -16.82 12.36
N GLU A 53 1.97 -16.32 13.48
CA GLU A 53 3.14 -16.98 14.07
C GLU A 53 2.83 -18.41 14.50
N GLN A 54 1.59 -18.71 14.86
CA GLN A 54 1.20 -20.05 15.30
C GLN A 54 1.22 -21.09 14.19
N GLU A 55 1.30 -20.70 12.91
CA GLU A 55 1.43 -21.73 11.88
C GLU A 55 2.71 -22.52 12.11
N GLY A 56 2.65 -23.82 11.84
CA GLY A 56 3.73 -24.72 12.15
C GLY A 56 4.84 -24.68 11.11
N PRO A 57 5.89 -25.46 11.38
CA PRO A 57 7.05 -25.43 10.47
C PRO A 57 6.74 -25.89 9.06
N GLU A 58 5.76 -26.78 8.88
CA GLU A 58 5.45 -27.21 7.53
C GLU A 58 4.84 -26.07 6.70
N TYR A 59 4.10 -25.17 7.37
CA TYR A 59 3.61 -23.97 6.71
C TYR A 59 4.77 -23.11 6.20
N TRP A 60 5.71 -22.76 7.09
CA TRP A 60 6.80 -21.88 6.70
C TRP A 60 7.73 -22.52 5.68
N ASP A 61 7.93 -23.83 5.76
CA ASP A 61 8.73 -24.52 4.75
C ASP A 61 8.04 -24.46 3.39
N ARG A 62 6.74 -24.69 3.35
CA ARG A 62 6.05 -24.67 2.06
C ARG A 62 6.13 -23.29 1.43
N GLU A 63 5.79 -22.24 2.19
CA GLU A 63 5.79 -20.89 1.64
C GLU A 63 7.19 -20.47 1.21
N THR A 64 8.21 -20.89 1.97
CA THR A 64 9.58 -20.56 1.59
C THR A 64 9.99 -21.28 0.31
N GLN A 65 9.63 -22.56 0.19
CA GLN A 65 9.99 -23.29 -1.02
C GLN A 65 9.33 -22.69 -2.26
N ILE A 66 8.05 -22.34 -2.15
CA ILE A 66 7.35 -21.72 -3.27
C ILE A 66 8.04 -20.43 -3.66
N SER A 67 8.42 -19.64 -2.65
CA SER A 67 8.99 -18.32 -2.93
C SER A 67 10.40 -18.43 -3.48
N LYS A 68 11.18 -19.41 -3.01
CA LYS A 68 12.49 -19.67 -3.62
C LYS A 68 12.35 -20.15 -5.05
N THR A 69 11.37 -21.02 -5.34
CA THR A 69 11.12 -21.42 -6.72
C THR A 69 10.67 -20.22 -7.54
N ASN A 70 9.80 -19.38 -6.98
CA ASN A 70 9.35 -18.18 -7.67
C ASN A 70 10.52 -17.26 -7.98
N THR A 71 11.51 -17.17 -7.08
CA THR A 71 12.66 -16.32 -7.40
C THR A 71 13.27 -16.73 -8.74
N GLN A 72 13.41 -18.04 -8.96
CA GLN A 72 14.03 -18.52 -10.19
C GLN A 72 13.09 -18.32 -11.38
N THR A 73 11.82 -18.69 -11.24
CA THR A 73 10.93 -18.62 -12.40
C THR A 73 10.63 -17.17 -12.79
N TYR A 74 10.54 -16.24 -11.82
CA TYR A 74 10.32 -14.84 -12.21
C TYR A 74 11.57 -14.24 -12.84
N ARG A 75 12.76 -14.76 -12.52
CA ARG A 75 13.94 -14.32 -13.28
C ARG A 75 13.87 -14.81 -14.72
N GLU A 76 13.45 -16.05 -14.94
CA GLU A 76 13.24 -16.52 -16.31
C GLU A 76 12.15 -15.70 -17.01
N SER A 77 11.07 -15.38 -16.29
CA SER A 77 10.01 -14.61 -16.92
C SER A 77 10.51 -13.24 -17.34
N LEU A 78 11.36 -12.60 -16.52
CA LEU A 78 11.93 -11.32 -16.91
C LEU A 78 12.79 -11.43 -18.16
N ARG A 79 13.59 -12.50 -18.28
CA ARG A 79 14.35 -12.73 -19.52
C ARG A 79 13.41 -12.89 -20.71
N ASN A 80 12.33 -13.65 -20.54
CA ASN A 80 11.36 -13.85 -21.61
C ASN A 80 10.74 -12.54 -22.05
N LEU A 81 10.28 -11.73 -21.08
CA LEU A 81 9.60 -10.48 -21.41
C LEU A 81 10.52 -9.52 -22.13
N ARG A 82 11.78 -9.46 -21.71
CA ARG A 82 12.78 -8.65 -22.41
C ARG A 82 12.83 -9.02 -23.89
N GLY A 83 12.82 -10.31 -24.21
CA GLY A 83 12.80 -10.75 -25.59
C GLY A 83 11.50 -10.44 -26.32
N TYR A 84 10.37 -10.56 -25.62
CA TYR A 84 9.08 -10.26 -26.25
C TYR A 84 9.00 -8.82 -26.73
N TYR A 85 9.72 -7.92 -26.06
CA TYR A 85 9.68 -6.51 -26.41
C TYR A 85 10.96 -6.05 -27.11
N ASN A 86 11.82 -6.99 -27.54
CA ASN A 86 13.05 -6.67 -28.26
C ASN A 86 13.93 -5.71 -27.47
N GLN A 87 14.01 -5.95 -26.17
CA GLN A 87 14.71 -5.01 -25.29
C GLN A 87 16.15 -5.45 -25.05
N SER A 88 17.01 -4.46 -24.84
CA SER A 88 18.42 -4.75 -24.58
C SER A 88 18.61 -5.38 -23.20
N GLU A 89 19.77 -6.02 -23.03
CA GLU A 89 20.16 -6.61 -21.76
C GLU A 89 20.61 -5.58 -20.73
N ALA A 90 20.72 -4.30 -21.12
CA ALA A 90 21.33 -3.29 -20.26
C ALA A 90 20.35 -2.57 -19.34
N GLY A 91 19.06 -2.57 -19.65
CA GLY A 91 18.10 -1.83 -18.87
C GLY A 91 17.51 -2.63 -17.70
N SER A 92 17.04 -1.91 -16.68
CA SER A 92 16.33 -2.50 -15.56
C SER A 92 14.83 -2.54 -15.84
N HIS A 93 14.19 -3.64 -15.45
CA HIS A 93 12.77 -3.82 -15.70
C HIS A 93 12.09 -4.41 -14.47
N THR A 94 10.78 -4.23 -14.41
CA THR A 94 9.97 -4.66 -13.29
C THR A 94 8.83 -5.56 -13.77
N LEU A 95 8.66 -6.68 -13.10
CA LEU A 95 7.48 -7.51 -13.27
C LEU A 95 6.73 -7.57 -11.95
N GLN A 96 5.44 -7.26 -11.98
CA GLN A 96 4.62 -7.28 -10.77
C GLN A 96 3.42 -8.17 -10.99
N ARG A 97 2.98 -8.81 -9.90
CA ARG A 97 1.80 -9.65 -9.97
C ARG A 97 1.03 -9.49 -8.67
N MET A 98 -0.30 -9.40 -8.75
CA MET A 98 -1.09 -9.42 -7.52
C MET A 98 -2.31 -10.31 -7.70
N TYR A 99 -2.62 -11.09 -6.67
CA TYR A 99 -3.70 -12.06 -6.78
C TYR A 99 -4.32 -12.32 -5.42
N GLY A 100 -5.53 -12.84 -5.41
CA GLY A 100 -6.19 -13.13 -4.16
C GLY A 100 -7.69 -13.26 -4.34
N CYS A 101 -8.36 -13.37 -3.19
CA CYS A 101 -9.78 -13.60 -3.17
C CYS A 101 -10.46 -12.58 -2.27
N ASP A 102 -11.69 -12.23 -2.64
CA ASP A 102 -12.60 -11.44 -1.81
C ASP A 102 -13.74 -12.33 -1.35
N VAL A 103 -14.10 -12.23 -0.07
CA VAL A 103 -15.21 -12.99 0.49
C VAL A 103 -16.16 -12.04 1.19
N GLY A 104 -17.43 -12.42 1.24
CA GLY A 104 -18.41 -11.65 1.97
C GLY A 104 -18.52 -12.11 3.41
N PRO A 105 -19.43 -11.50 4.17
CA PRO A 105 -19.56 -11.84 5.60
C PRO A 105 -19.83 -13.31 5.88
N ASP A 106 -20.41 -14.05 4.94
CA ASP A 106 -20.58 -15.48 5.10
C ASP A 106 -19.35 -16.28 4.72
N GLY A 107 -18.26 -15.62 4.33
CA GLY A 107 -17.07 -16.32 3.90
C GLY A 107 -17.13 -16.92 2.51
N ARG A 108 -18.19 -16.63 1.75
CA ARG A 108 -18.29 -17.18 0.40
C ARG A 108 -17.52 -16.29 -0.58
N LEU A 109 -16.94 -16.93 -1.60
CA LEU A 109 -16.19 -16.19 -2.61
C LEU A 109 -17.08 -15.19 -3.33
N LEU A 110 -16.68 -13.91 -3.29
CA LEU A 110 -17.28 -12.87 -4.11
C LEU A 110 -16.60 -12.73 -5.46
N ARG A 111 -15.27 -12.74 -5.49
CA ARG A 111 -14.55 -12.83 -6.77
C ARG A 111 -13.07 -13.07 -6.49
N GLY A 112 -12.41 -13.63 -7.50
CA GLY A 112 -10.98 -13.87 -7.48
C GLY A 112 -10.25 -12.93 -8.42
N HIS A 113 -8.94 -12.78 -8.20
CA HIS A 113 -8.10 -11.83 -8.91
C HIS A 113 -6.76 -12.48 -9.21
N ASP A 114 -6.24 -12.24 -10.41
CA ASP A 114 -4.83 -12.44 -10.71
C ASP A 114 -4.46 -11.51 -11.85
N GLN A 115 -3.60 -10.53 -11.60
CA GLN A 115 -3.19 -9.66 -12.68
C GLN A 115 -1.70 -9.36 -12.57
N SER A 116 -1.11 -9.05 -13.72
CA SER A 116 0.32 -8.81 -13.83
C SER A 116 0.57 -7.54 -14.62
N ALA A 117 1.70 -6.91 -14.32
CA ALA A 117 2.13 -5.70 -14.99
C ALA A 117 3.62 -5.79 -15.29
N TYR A 118 4.03 -5.20 -16.40
CA TYR A 118 5.43 -5.16 -16.79
C TYR A 118 5.84 -3.71 -16.95
N ASP A 119 6.84 -3.28 -16.19
CA ASP A 119 7.27 -1.88 -16.15
C ASP A 119 6.10 -0.94 -15.86
N GLY A 120 5.23 -1.34 -14.94
CA GLY A 120 4.12 -0.50 -14.51
C GLY A 120 2.91 -0.52 -15.42
N LYS A 121 2.95 -1.27 -16.51
CA LYS A 121 1.89 -1.28 -17.50
C LYS A 121 1.16 -2.62 -17.45
N ASP A 122 -0.16 -2.58 -17.38
CA ASP A 122 -0.94 -3.81 -17.33
C ASP A 122 -0.51 -4.74 -18.46
N TYR A 123 -0.31 -6.01 -18.13
CA TYR A 123 0.25 -6.98 -19.06
C TYR A 123 -0.74 -8.11 -19.34
N ILE A 124 -1.14 -8.87 -18.33
CA ILE A 124 -2.14 -9.92 -18.50
C ILE A 124 -2.94 -10.03 -17.21
N ALA A 125 -4.24 -10.34 -17.35
CA ALA A 125 -5.10 -10.49 -16.18
C ALA A 125 -6.03 -11.68 -16.37
N LEU A 126 -6.21 -12.46 -15.32
CA LEU A 126 -7.27 -13.46 -15.29
C LEU A 126 -8.62 -12.77 -15.26
N ASN A 127 -9.52 -13.19 -16.15
CA ASN A 127 -10.84 -12.57 -16.21
C ASN A 127 -11.69 -13.00 -15.01
N GLU A 128 -12.76 -12.25 -14.76
CA GLU A 128 -13.57 -12.49 -13.56
C GLU A 128 -14.18 -13.88 -13.56
N ASP A 129 -14.41 -14.46 -14.75
CA ASP A 129 -14.96 -15.81 -14.83
C ASP A 129 -13.95 -16.89 -14.45
N LEU A 130 -12.72 -16.50 -14.15
CA LEU A 130 -11.65 -17.40 -13.73
C LEU A 130 -11.38 -18.49 -14.77
N SER A 131 -11.71 -18.21 -16.04
CA SER A 131 -11.59 -19.20 -17.09
C SER A 131 -10.80 -18.72 -18.29
N SER A 132 -10.47 -17.44 -18.37
CA SER A 132 -9.85 -16.88 -19.57
C SER A 132 -9.00 -15.70 -19.13
N TRP A 133 -8.17 -15.20 -20.06
CA TRP A 133 -7.31 -14.06 -19.78
C TRP A 133 -7.56 -12.91 -20.75
N THR A 134 -7.22 -11.71 -20.29
CA THR A 134 -7.15 -10.51 -21.12
C THR A 134 -5.68 -10.13 -21.24
N ALA A 135 -5.16 -10.21 -22.45
CA ALA A 135 -3.76 -9.89 -22.73
C ALA A 135 -3.68 -8.49 -23.30
N ALA A 136 -2.79 -7.67 -22.76
CA ALA A 136 -2.76 -6.27 -23.17
C ALA A 136 -2.13 -6.05 -24.56
N ASP A 137 -1.31 -6.95 -25.07
CA ASP A 137 -0.64 -6.69 -26.34
C ASP A 137 -0.16 -8.00 -26.92
N THR A 138 0.57 -7.92 -28.05
CA THR A 138 0.98 -9.15 -28.72
C THR A 138 2.06 -9.91 -27.96
N ALA A 139 2.81 -9.23 -27.08
CA ALA A 139 3.72 -9.94 -26.18
C ALA A 139 2.94 -10.75 -25.16
N ALA A 140 1.93 -10.12 -24.54
CA ALA A 140 1.13 -10.85 -23.55
C ALA A 140 0.37 -11.99 -24.19
N GLN A 141 0.09 -11.91 -25.50
CA GLN A 141 -0.56 -13.04 -26.17
C GLN A 141 0.32 -14.27 -26.14
N ILE A 142 1.64 -14.09 -26.23
CA ILE A 142 2.53 -15.24 -26.10
C ILE A 142 2.34 -15.89 -24.73
N THR A 143 2.38 -15.07 -23.69
CA THR A 143 2.15 -15.61 -22.35
C THR A 143 0.79 -16.31 -22.28
N GLN A 144 -0.25 -15.70 -22.86
CA GLN A 144 -1.59 -16.26 -22.77
C GLN A 144 -1.64 -17.66 -23.37
N ARG A 145 -1.04 -17.83 -24.55
CA ARG A 145 -1.04 -19.13 -25.21
C ARG A 145 -0.23 -20.15 -24.42
N LYS A 146 0.90 -19.73 -23.82
CA LYS A 146 1.62 -20.60 -22.91
C LYS A 146 0.73 -21.07 -21.78
N TRP A 147 0.01 -20.13 -21.14
CA TRP A 147 -0.78 -20.48 -19.97
C TRP A 147 -2.00 -21.32 -20.35
N GLU A 148 -2.58 -21.05 -21.52
CA GLU A 148 -3.67 -21.90 -22.02
C GLU A 148 -3.22 -23.34 -22.20
N ALA A 149 -2.03 -23.55 -22.78
CA ALA A 149 -1.53 -24.90 -23.00
C ALA A 149 -1.19 -25.60 -21.70
N ALA A 150 -0.83 -24.85 -20.66
CA ALA A 150 -0.55 -25.44 -19.37
C ALA A 150 -1.78 -25.60 -18.49
N ARG A 151 -2.97 -25.23 -18.99
CA ARG A 151 -4.22 -25.32 -18.21
C ARG A 151 -4.15 -24.46 -16.94
N GLU A 152 -3.58 -23.26 -17.08
CA GLU A 152 -3.34 -22.42 -15.91
C GLU A 152 -4.64 -21.91 -15.31
N ALA A 153 -5.62 -21.55 -16.16
CA ALA A 153 -6.85 -20.95 -15.66
C ALA A 153 -7.57 -21.91 -14.71
N GLU A 154 -7.55 -23.20 -15.01
CA GLU A 154 -8.21 -24.18 -14.17
C GLU A 154 -7.51 -24.30 -12.82
N GLN A 155 -6.18 -24.14 -12.81
CA GLN A 155 -5.43 -24.13 -11.55
C GLN A 155 -5.76 -22.91 -10.72
N TRP A 156 -5.86 -21.75 -11.38
CA TRP A 156 -6.21 -20.52 -10.67
C TRP A 156 -7.63 -20.59 -10.11
N ARG A 157 -8.58 -21.07 -10.91
CA ARG A 157 -9.95 -21.19 -10.41
C ARG A 157 -10.00 -22.10 -9.18
N ALA A 158 -9.25 -23.20 -9.20
CA ALA A 158 -9.28 -24.13 -8.07
C ALA A 158 -8.67 -23.50 -6.83
N TYR A 159 -7.58 -22.76 -6.99
CA TYR A 159 -6.99 -22.07 -5.85
C TYR A 159 -7.95 -21.00 -5.32
N LEU A 160 -8.44 -20.14 -6.21
CA LEU A 160 -9.21 -18.98 -5.78
C LEU A 160 -10.53 -19.38 -5.13
N GLU A 161 -11.16 -20.45 -5.62
CA GLU A 161 -12.42 -20.90 -5.05
C GLU A 161 -12.23 -21.82 -3.86
N GLY A 162 -11.05 -22.39 -3.70
CA GLY A 162 -10.79 -23.37 -2.67
C GLY A 162 -9.83 -22.88 -1.61
N LEU A 163 -8.53 -23.18 -1.76
CA LEU A 163 -7.56 -22.91 -0.71
C LEU A 163 -7.49 -21.41 -0.36
N CYS A 164 -7.65 -20.54 -1.35
CA CYS A 164 -7.57 -19.11 -1.04
C CYS A 164 -8.63 -18.71 -0.03
N VAL A 165 -9.89 -19.12 -0.26
CA VAL A 165 -10.92 -18.72 0.69
C VAL A 165 -10.82 -19.51 1.98
N GLU A 166 -10.34 -20.75 1.92
CA GLU A 166 -10.18 -21.54 3.14
C GLU A 166 -9.11 -20.94 4.05
N TRP A 167 -7.95 -20.60 3.49
CA TRP A 167 -6.90 -19.97 4.29
C TRP A 167 -7.35 -18.60 4.79
N LEU A 168 -8.02 -17.81 3.95
CA LEU A 168 -8.49 -16.52 4.43
C LEU A 168 -9.43 -16.69 5.62
N ARG A 169 -10.37 -17.64 5.54
CA ARG A 169 -11.27 -17.88 6.66
C ARG A 169 -10.49 -18.25 7.92
N ARG A 170 -9.46 -19.08 7.77
CA ARG A 170 -8.66 -19.45 8.94
C ARG A 170 -7.93 -18.24 9.51
N TYR A 171 -7.34 -17.41 8.64
CA TYR A 171 -6.65 -16.22 9.14
C TYR A 171 -7.60 -15.28 9.85
N LEU A 172 -8.80 -15.09 9.29
CA LEU A 172 -9.77 -14.21 9.92
C LEU A 172 -10.16 -14.69 11.31
N GLU A 173 -10.21 -16.00 11.52
CA GLU A 173 -10.57 -16.51 12.84
C GLU A 173 -9.41 -16.40 13.81
N ASN A 174 -8.21 -16.80 13.37
CA ASN A 174 -7.03 -16.71 14.21
C ASN A 174 -6.70 -15.27 14.57
N GLY A 175 -7.01 -14.32 13.68
CA GLY A 175 -6.71 -12.93 13.98
C GLY A 175 -7.95 -12.09 14.24
N LYS A 176 -9.05 -12.71 14.70
CA LYS A 176 -10.32 -12.00 14.76
C LYS A 176 -10.28 -10.81 15.71
N GLU A 177 -9.44 -10.84 16.74
CA GLU A 177 -9.39 -9.70 17.66
C GLU A 177 -8.84 -8.43 17.03
N THR A 178 -8.16 -8.52 15.88
CA THR A 178 -7.70 -7.34 15.16
C THR A 178 -8.27 -7.27 13.75
N LEU A 179 -8.22 -8.39 13.01
CA LEU A 179 -8.69 -8.38 11.63
C LEU A 179 -10.19 -8.08 11.55
N GLN A 180 -10.96 -8.57 12.53
CA GLN A 180 -12.39 -8.33 12.54
C GLN A 180 -12.78 -7.26 13.55
N ARG A 181 -11.87 -6.37 13.90
CA ARG A 181 -12.17 -5.26 14.78
C ARG A 181 -11.98 -3.97 14.00
N ALA A 182 -13.05 -3.23 13.80
CA ALA A 182 -12.97 -1.95 13.11
C ALA A 182 -12.74 -0.85 14.15
N ASP A 183 -11.68 -0.08 14.00
CA ASP A 183 -11.41 1.01 14.93
C ASP A 183 -11.88 2.32 14.29
N PRO A 184 -12.80 3.03 14.92
CA PRO A 184 -13.39 4.21 14.29
C PRO A 184 -12.41 5.36 14.30
N PRO A 185 -12.55 6.32 13.38
CA PRO A 185 -11.65 7.48 13.40
C PRO A 185 -11.94 8.37 14.59
N LYS A 186 -10.88 8.91 15.19
CA LYS A 186 -10.98 10.05 16.07
C LYS A 186 -10.94 11.31 15.22
N THR A 187 -11.95 12.17 15.36
CA THR A 187 -12.19 13.23 14.40
C THR A 187 -12.17 14.61 15.07
N HIS A 188 -11.71 15.61 14.32
CA HIS A 188 -11.77 17.00 14.78
C HIS A 188 -11.51 17.94 13.61
N VAL A 189 -11.91 19.20 13.78
CA VAL A 189 -11.76 20.24 12.76
C VAL A 189 -10.81 21.31 13.31
N THR A 190 -9.79 21.64 12.53
CA THR A 190 -8.87 22.72 12.86
C THR A 190 -9.08 23.87 11.87
N HIS A 191 -8.56 25.04 12.25
CA HIS A 191 -8.80 26.30 11.57
C HIS A 191 -7.46 26.99 11.40
N HIS A 192 -7.13 27.38 10.19
CA HIS A 192 -5.82 27.96 9.88
C HIS A 192 -6.01 29.21 9.03
N PRO A 193 -5.92 30.39 9.62
CA PRO A 193 -6.07 31.61 8.83
C PRO A 193 -5.04 31.69 7.72
N ILE A 194 -5.49 32.11 6.55
CA ILE A 194 -4.64 32.36 5.42
C ILE A 194 -4.32 33.84 5.29
N SER A 195 -5.34 34.67 5.44
CA SER A 195 -5.30 36.12 5.26
C SER A 195 -6.43 36.70 6.09
N ASP A 196 -6.67 38.01 5.95
CA ASP A 196 -7.84 38.58 6.61
C ASP A 196 -9.15 38.07 6.00
N HIS A 197 -9.11 37.56 4.77
CA HIS A 197 -10.33 37.23 4.04
C HIS A 197 -10.65 35.74 3.99
N GLU A 198 -9.67 34.86 4.23
CA GLU A 198 -9.84 33.44 4.00
C GLU A 198 -9.13 32.64 5.08
N ALA A 199 -9.62 31.41 5.31
CA ALA A 199 -8.96 30.50 6.22
C ALA A 199 -9.23 29.07 5.76
N THR A 200 -8.37 28.16 6.20
CA THR A 200 -8.51 26.73 5.92
C THR A 200 -9.22 26.04 7.08
N LEU A 201 -10.26 25.28 6.76
CA LEU A 201 -10.84 24.34 7.70
C LEU A 201 -10.34 22.96 7.30
N ARG A 202 -9.72 22.25 8.23
CA ARG A 202 -9.16 20.93 7.94
C ARG A 202 -9.86 19.93 8.85
N CYS A 203 -10.49 18.94 8.25
CA CYS A 203 -11.20 17.90 8.99
C CYS A 203 -10.31 16.67 9.07
N TRP A 204 -10.05 16.20 10.29
CA TRP A 204 -9.09 15.14 10.57
C TRP A 204 -9.77 13.84 10.95
N ALA A 205 -9.23 12.73 10.46
CA ALA A 205 -9.61 11.40 10.91
C ALA A 205 -8.33 10.65 11.27
N LEU A 206 -8.25 10.18 12.50
CA LEU A 206 -7.02 9.58 13.01
C LEU A 206 -7.32 8.25 13.68
N GLY A 207 -6.35 7.34 13.60
CA GLY A 207 -6.42 6.10 14.34
C GLY A 207 -7.41 5.06 13.85
N PHE A 208 -7.85 5.13 12.61
CA PHE A 208 -8.90 4.21 12.16
C PHE A 208 -8.35 2.99 11.44
N TYR A 209 -9.16 1.91 11.46
CA TYR A 209 -8.81 0.66 10.78
C TYR A 209 -10.16 0.03 10.43
N PRO A 210 -10.36 -0.43 9.18
CA PRO A 210 -9.42 -0.52 8.06
C PRO A 210 -9.28 0.84 7.36
N ALA A 211 -8.52 0.90 6.26
CA ALA A 211 -8.19 2.19 5.66
C ALA A 211 -9.37 2.83 4.95
N GLU A 212 -10.36 2.06 4.50
CA GLU A 212 -11.51 2.61 3.79
C GLU A 212 -12.24 3.66 4.64
N ILE A 213 -12.43 4.86 4.07
CA ILE A 213 -13.06 5.95 4.81
C ILE A 213 -13.54 6.97 3.80
N THR A 214 -14.57 7.73 4.19
CA THR A 214 -15.12 8.78 3.35
C THR A 214 -15.12 10.06 4.17
N LEU A 215 -14.47 11.10 3.65
CA LEU A 215 -14.30 12.39 4.30
C LEU A 215 -14.70 13.44 3.27
N THR A 216 -15.74 14.22 3.58
CA THR A 216 -16.25 15.21 2.62
C THR A 216 -16.62 16.51 3.35
N TRP A 217 -16.53 17.61 2.63
CA TRP A 217 -16.93 18.91 3.14
C TRP A 217 -18.19 19.35 2.42
N GLN A 218 -19.19 19.78 3.16
CA GLN A 218 -20.35 20.43 2.57
C GLN A 218 -20.36 21.91 2.96
N ARG A 219 -20.88 22.74 2.06
CA ARG A 219 -21.18 24.14 2.34
C ARG A 219 -22.65 24.36 2.01
N ASP A 220 -23.43 24.72 3.03
CA ASP A 220 -24.90 24.79 2.91
C ASP A 220 -25.47 23.46 2.42
N GLY A 221 -24.85 22.35 2.83
CA GLY A 221 -25.33 21.03 2.48
C GLY A 221 -25.01 20.58 1.07
N GLU A 222 -24.28 21.37 0.30
CA GLU A 222 -23.86 21.00 -1.05
C GLU A 222 -22.42 20.51 -1.00
N ASP A 223 -22.15 19.35 -1.59
CA ASP A 223 -20.81 18.80 -1.53
C ASP A 223 -19.81 19.72 -2.22
N GLN A 224 -18.64 19.88 -1.62
CA GLN A 224 -17.57 20.73 -2.12
C GLN A 224 -16.48 19.92 -2.79
N THR A 225 -16.90 18.97 -3.63
CA THR A 225 -15.96 18.01 -4.22
C THR A 225 -14.82 18.71 -4.95
N GLN A 226 -15.14 19.65 -5.83
CA GLN A 226 -14.11 20.30 -6.64
C GLN A 226 -13.19 21.18 -5.80
N ASP A 227 -13.66 21.65 -4.64
CA ASP A 227 -12.89 22.60 -3.83
C ASP A 227 -12.30 21.98 -2.57
N THR A 228 -12.33 20.66 -2.43
CA THR A 228 -11.79 20.02 -1.24
C THR A 228 -10.42 19.45 -1.56
N GLU A 229 -9.44 19.76 -0.73
CA GLU A 229 -8.14 19.12 -0.82
C GLU A 229 -8.15 17.88 0.06
N LEU A 230 -7.93 16.72 -0.56
CA LEU A 230 -7.96 15.43 0.11
C LEU A 230 -6.57 14.84 0.03
N VAL A 231 -5.92 14.58 1.18
CA VAL A 231 -4.64 13.87 1.12
C VAL A 231 -4.91 12.38 1.03
N GLU A 232 -3.91 11.67 0.50
CA GLU A 232 -3.96 10.22 0.45
C GLU A 232 -3.99 9.65 1.87
N THR A 233 -4.86 8.66 2.08
CA THR A 233 -4.90 7.97 3.37
C THR A 233 -3.51 7.40 3.66
N ARG A 234 -3.03 7.58 4.90
CA ARG A 234 -1.63 7.29 5.18
C ARG A 234 -1.51 6.45 6.44
N PRO A 235 -0.52 5.58 6.51
CA PRO A 235 -0.38 4.70 7.68
C PRO A 235 0.27 5.44 8.85
N ALA A 236 -0.25 5.17 10.05
CA ALA A 236 0.34 5.76 11.26
C ALA A 236 1.52 4.96 11.80
N GLY A 237 1.61 3.68 11.43
CA GLY A 237 2.66 2.80 11.90
C GLY A 237 2.25 1.85 13.01
N ASP A 238 1.03 1.99 13.51
CA ASP A 238 0.54 1.17 14.61
C ASP A 238 -0.65 0.32 14.17
N ARG A 239 -0.70 0.04 12.85
CA ARG A 239 -1.76 -0.63 12.10
C ARG A 239 -2.86 0.32 11.64
N THR A 240 -2.98 1.51 12.26
CA THR A 240 -4.08 2.41 11.93
C THR A 240 -3.70 3.43 10.85
N PHE A 241 -4.70 4.18 10.38
CA PHE A 241 -4.55 5.08 9.25
C PHE A 241 -5.00 6.49 9.64
N GLN A 242 -4.58 7.47 8.84
CA GLN A 242 -4.90 8.88 9.03
C GLN A 242 -5.33 9.47 7.69
N LYS A 243 -6.19 10.47 7.76
CA LYS A 243 -6.59 11.18 6.55
C LYS A 243 -7.11 12.53 6.96
N TRP A 244 -6.99 13.51 6.07
CA TRP A 244 -7.67 14.77 6.29
C TRP A 244 -8.19 15.34 4.97
N ALA A 245 -9.19 16.22 5.11
CA ALA A 245 -9.83 16.93 4.00
C ALA A 245 -9.89 18.41 4.36
N ALA A 246 -9.54 19.28 3.42
CA ALA A 246 -9.45 20.71 3.71
C ALA A 246 -10.17 21.54 2.66
N VAL A 247 -10.77 22.63 3.12
CA VAL A 247 -11.47 23.57 2.26
C VAL A 247 -11.08 24.98 2.70
N VAL A 248 -11.03 25.90 1.74
CA VAL A 248 -10.70 27.29 2.01
C VAL A 248 -12.00 28.06 2.07
N VAL A 249 -12.25 28.71 3.20
CA VAL A 249 -13.56 29.30 3.46
C VAL A 249 -13.38 30.81 3.65
N PRO A 250 -14.34 31.62 3.22
CA PRO A 250 -14.30 33.05 3.57
C PRO A 250 -14.42 33.25 5.08
N SER A 251 -13.56 34.11 5.62
CA SER A 251 -13.59 34.39 7.05
C SER A 251 -14.98 34.84 7.47
N GLY A 252 -15.43 34.33 8.61
CA GLY A 252 -16.79 34.56 9.08
C GLY A 252 -17.84 33.58 8.60
N GLU A 253 -17.59 32.86 7.49
CA GLU A 253 -18.58 31.93 6.94
C GLU A 253 -18.35 30.48 7.39
N GLU A 254 -17.56 30.27 8.45
CA GLU A 254 -17.15 28.91 8.81
C GLU A 254 -18.35 28.02 9.14
N GLN A 255 -19.42 28.59 9.67
CA GLN A 255 -20.55 27.76 10.12
C GLN A 255 -21.43 27.27 8.98
N ARG A 256 -21.21 27.72 7.75
CA ARG A 256 -21.92 27.16 6.62
C ARG A 256 -21.32 25.83 6.17
N TYR A 257 -20.20 25.42 6.78
CA TYR A 257 -19.41 24.27 6.34
C TYR A 257 -19.52 23.14 7.37
N THR A 258 -19.77 21.92 6.89
CA THR A 258 -19.83 20.75 7.75
C THR A 258 -18.95 19.66 7.15
N CYS A 259 -18.28 18.91 8.00
CA CYS A 259 -17.44 17.79 7.59
C CYS A 259 -18.19 16.49 7.89
N HIS A 260 -18.23 15.59 6.91
CA HIS A 260 -18.99 14.34 7.04
C HIS A 260 -18.04 13.16 6.93
N VAL A 261 -18.10 12.25 7.91
CA VAL A 261 -17.17 11.13 8.05
C VAL A 261 -17.95 9.82 8.04
N GLN A 262 -17.55 8.91 7.16
CA GLN A 262 -18.11 7.56 7.10
C GLN A 262 -16.99 6.55 7.31
N HIS A 263 -17.22 5.58 8.18
CA HIS A 263 -16.27 4.53 8.44
C HIS A 263 -16.99 3.34 9.07
N GLU A 264 -16.51 2.14 8.75
CA GLU A 264 -17.15 0.93 9.25
C GLU A 264 -17.16 0.86 10.78
N GLY A 265 -16.21 1.53 11.44
CA GLY A 265 -16.12 1.48 12.89
C GLY A 265 -17.09 2.37 13.64
N LEU A 266 -17.80 3.24 12.92
CA LEU A 266 -18.73 4.26 13.41
C LEU A 266 -20.13 3.70 13.48
N PRO A 267 -20.76 3.74 14.67
CA PRO A 267 -22.19 3.37 14.77
C PRO A 267 -23.06 4.09 13.75
N LYS A 268 -22.88 5.41 13.62
CA LYS A 268 -23.58 6.21 12.64
C LYS A 268 -22.60 7.22 12.07
N PRO A 269 -22.80 7.67 10.83
CA PRO A 269 -21.90 8.67 10.25
C PRO A 269 -21.85 9.94 11.09
N LEU A 270 -20.76 10.68 10.93
CA LEU A 270 -20.46 11.83 11.77
C LEU A 270 -20.56 13.10 10.95
N THR A 271 -21.15 14.13 11.56
CA THR A 271 -21.16 15.48 11.02
C THR A 271 -20.42 16.36 12.02
N LEU A 272 -19.43 17.10 11.53
CA LEU A 272 -18.52 17.89 12.37
C LEU A 272 -18.53 19.35 11.92
N ARG A 273 -18.30 20.24 12.89
CA ARG A 273 -18.22 21.67 12.63
C ARG A 273 -17.02 22.25 13.38
N TRP A 274 -16.49 23.36 12.85
CA TRP A 274 -15.47 24.11 13.57
C TRP A 274 -16.07 24.62 14.88
N GLY A 275 -15.39 24.35 15.99
CA GLY A 275 -15.92 24.72 17.29
C GLY A 275 -15.74 26.18 17.65
N GLY A 276 -14.80 26.87 17.00
CA GLY A 276 -14.60 28.29 17.23
C GLY A 276 -13.33 28.64 17.98
N ILE B 1 6.70 6.46 -18.52
CA ILE B 1 6.85 5.11 -17.98
C ILE B 1 7.20 5.17 -16.49
N GLN B 2 7.66 6.33 -16.03
CA GLN B 2 8.08 6.52 -14.65
C GLN B 2 7.13 7.46 -13.92
N ARG B 3 6.99 7.25 -12.61
CA ARG B 3 6.05 8.01 -11.78
C ARG B 3 6.79 8.60 -10.59
N THR B 4 6.59 9.89 -10.37
CA THR B 4 7.33 10.56 -9.32
C THR B 4 6.64 10.34 -7.95
N PRO B 5 7.41 10.25 -6.87
CA PRO B 5 6.81 9.94 -5.57
C PRO B 5 6.00 11.09 -5.00
N LYS B 6 4.87 10.74 -4.39
CA LYS B 6 4.19 11.63 -3.45
C LYS B 6 4.83 11.47 -2.08
N ILE B 7 4.86 12.56 -1.32
CA ILE B 7 5.55 12.57 -0.04
C ILE B 7 4.67 13.24 1.01
N GLN B 8 4.46 12.56 2.14
CA GLN B 8 3.84 13.16 3.32
C GLN B 8 4.74 12.91 4.51
N VAL B 9 4.99 13.97 5.30
CA VAL B 9 5.75 13.89 6.54
C VAL B 9 4.80 14.26 7.68
N TYR B 10 4.76 13.43 8.72
CA TYR B 10 3.77 13.58 9.78
C TYR B 10 4.16 12.70 10.96
N SER B 11 3.47 12.89 12.08
CA SER B 11 3.74 12.08 13.27
C SER B 11 2.64 11.02 13.48
N ARG B 12 3.01 9.96 14.18
CA ARG B 12 2.05 8.90 14.46
C ARG B 12 0.93 9.40 15.37
N HIS B 13 1.28 10.11 16.43
CA HIS B 13 0.34 10.72 17.37
C HIS B 13 0.38 12.24 17.26
N PRO B 14 -0.68 12.94 17.65
CA PRO B 14 -0.62 14.41 17.70
C PRO B 14 0.60 14.87 18.50
N ALA B 15 1.36 15.79 17.92
CA ALA B 15 2.64 16.15 18.50
C ALA B 15 2.43 17.10 19.68
N GLU B 16 3.08 16.78 20.80
CA GLU B 16 3.21 17.70 21.92
C GLU B 16 4.67 17.76 22.30
N ASN B 17 5.24 18.97 22.28
CA ASN B 17 6.65 19.16 22.57
C ASN B 17 7.06 18.44 23.86
N GLY B 18 8.20 17.75 23.80
CA GLY B 18 8.72 17.05 24.95
C GLY B 18 8.16 15.66 25.17
N LYS B 19 7.19 15.23 24.38
CA LYS B 19 6.59 13.90 24.51
C LYS B 19 7.02 13.00 23.35
N SER B 20 7.48 11.80 23.69
CA SER B 20 8.00 10.86 22.70
C SER B 20 6.93 10.46 21.67
N ASN B 21 7.35 10.36 20.41
CA ASN B 21 6.45 10.19 19.28
C ASN B 21 7.18 9.41 18.19
N PHE B 22 6.54 9.29 17.02
CA PHE B 22 7.18 8.70 15.85
C PHE B 22 7.04 9.67 14.69
N LEU B 23 8.14 9.87 13.97
CA LEU B 23 8.17 10.71 12.78
C LEU B 23 8.05 9.81 11.56
N ASN B 24 7.09 10.11 10.69
CA ASN B 24 6.78 9.26 9.55
C ASN B 24 7.07 10.01 8.27
N CYS B 25 7.68 9.31 7.30
CA CYS B 25 7.76 9.81 5.94
C CYS B 25 7.18 8.73 5.02
N TYR B 26 6.06 9.05 4.39
CA TYR B 26 5.30 8.09 3.60
C TYR B 26 5.47 8.47 2.14
N VAL B 27 6.12 7.60 1.37
CA VAL B 27 6.35 7.84 -0.05
C VAL B 27 5.47 6.87 -0.83
N SER B 28 4.78 7.38 -1.84
CA SER B 28 3.83 6.54 -2.54
C SER B 28 3.67 7.02 -3.97
N GLY B 29 3.00 6.20 -4.77
CA GLY B 29 2.70 6.60 -6.14
C GLY B 29 3.87 6.56 -7.10
N PHE B 30 4.99 5.95 -6.74
CA PHE B 30 6.22 6.04 -7.53
C PHE B 30 6.50 4.73 -8.29
N HIS B 31 7.27 4.86 -9.36
CA HIS B 31 7.63 3.73 -10.22
C HIS B 31 8.81 4.19 -11.07
N PRO B 32 9.93 3.45 -11.13
CA PRO B 32 10.19 2.14 -10.53
C PRO B 32 10.45 2.21 -9.02
N SER B 33 10.75 1.06 -8.43
CA SER B 33 10.70 0.95 -6.97
C SER B 33 11.95 1.48 -6.27
N ASP B 34 13.07 1.66 -6.98
CA ASP B 34 14.26 2.16 -6.30
C ASP B 34 14.01 3.59 -5.80
N ILE B 35 14.27 3.80 -4.52
CA ILE B 35 14.04 5.12 -3.94
C ILE B 35 14.98 5.30 -2.77
N GLU B 36 15.40 6.54 -2.57
CA GLU B 36 16.26 6.96 -1.47
C GLU B 36 15.47 7.90 -0.57
N VAL B 37 15.32 7.54 0.70
CA VAL B 37 14.52 8.33 1.63
C VAL B 37 15.31 8.53 2.91
N ASP B 38 15.55 9.78 3.27
CA ASP B 38 16.21 10.12 4.52
C ASP B 38 15.33 11.03 5.34
N LEU B 39 15.33 10.81 6.66
CA LEU B 39 14.70 11.69 7.63
C LEU B 39 15.77 12.59 8.22
N LEU B 40 15.47 13.89 8.31
CA LEU B 40 16.43 14.91 8.70
C LEU B 40 16.03 15.56 10.03
N LYS B 41 17.03 15.87 10.86
CA LYS B 41 16.85 16.61 12.10
C LYS B 41 17.75 17.84 12.03
N ASN B 42 17.15 19.00 11.79
CA ASN B 42 17.90 20.25 11.64
C ASN B 42 18.91 20.17 10.50
N GLY B 43 18.60 19.38 9.47
CA GLY B 43 19.45 19.24 8.30
C GLY B 43 20.35 18.02 8.29
N GLU B 44 20.43 17.29 9.39
CA GLU B 44 21.31 16.13 9.52
C GLU B 44 20.52 14.85 9.34
N ARG B 45 21.18 13.82 8.81
CA ARG B 45 20.54 12.52 8.58
C ARG B 45 20.42 11.76 9.89
N ILE B 46 19.19 11.38 10.25
CA ILE B 46 18.97 10.56 11.43
C ILE B 46 19.44 9.14 11.12
N GLU B 47 20.15 8.53 12.06
CA GLU B 47 20.86 7.29 11.77
C GLU B 47 19.90 6.10 11.75
N LYS B 48 19.19 5.87 12.85
CA LYS B 48 18.35 4.69 12.98
C LYS B 48 16.97 5.02 12.42
N VAL B 49 16.69 4.52 11.22
CA VAL B 49 15.40 4.71 10.57
C VAL B 49 14.98 3.36 9.98
N GLU B 50 13.75 2.94 10.25
CA GLU B 50 13.23 1.70 9.72
C GLU B 50 12.31 1.98 8.53
N HIS B 51 11.92 0.91 7.82
CA HIS B 51 10.93 1.10 6.77
C HIS B 51 10.10 -0.17 6.60
N SER B 52 8.91 0.01 6.04
CA SER B 52 8.00 -1.09 5.76
C SER B 52 8.51 -1.93 4.59
N ASP B 53 7.90 -3.10 4.40
CA ASP B 53 8.23 -3.94 3.27
C ASP B 53 7.60 -3.39 2.01
N LEU B 54 8.36 -3.44 0.91
CA LEU B 54 7.93 -2.92 -0.38
C LEU B 54 6.63 -3.55 -0.83
N SER B 55 5.64 -2.72 -1.09
CA SER B 55 4.38 -3.18 -1.64
C SER B 55 3.94 -2.17 -2.68
N PHE B 56 2.78 -2.42 -3.29
CA PHE B 56 2.29 -1.54 -4.33
C PHE B 56 0.75 -1.53 -4.32
N SER B 57 0.23 -0.46 -4.91
CA SER B 57 -1.20 -0.19 -4.98
C SER B 57 -1.85 -0.83 -6.19
N LYS B 58 -3.18 -0.69 -6.28
CA LYS B 58 -3.94 -1.25 -7.39
C LYS B 58 -3.48 -0.69 -8.73
N ASP B 59 -2.92 0.52 -8.75
CA ASP B 59 -2.42 1.08 -9.99
C ASP B 59 -0.96 0.76 -10.25
N TRP B 60 -0.40 -0.21 -9.51
CA TRP B 60 0.96 -0.75 -9.65
C TRP B 60 2.04 0.15 -9.06
N SER B 61 1.72 1.36 -8.56
CA SER B 61 2.75 2.20 -7.99
C SER B 61 3.13 1.71 -6.60
N PHE B 62 4.38 1.98 -6.23
CA PHE B 62 4.95 1.47 -4.98
C PHE B 62 4.72 2.46 -3.85
N TYR B 63 4.72 1.94 -2.62
CA TYR B 63 4.67 2.79 -1.44
C TYR B 63 5.51 2.16 -0.32
N LEU B 64 6.07 3.04 0.51
CA LEU B 64 6.93 2.70 1.63
C LEU B 64 6.68 3.68 2.77
N LEU B 65 6.71 3.17 4.00
CA LEU B 65 6.72 4.02 5.18
C LEU B 65 8.10 3.96 5.83
N TYR B 66 8.75 5.12 5.95
CA TYR B 66 9.97 5.29 6.73
C TYR B 66 9.61 5.97 8.05
N TYR B 67 10.19 5.49 9.15
CA TYR B 67 9.77 6.00 10.44
C TYR B 67 10.90 5.88 11.46
N THR B 68 10.95 6.83 12.40
CA THR B 68 11.89 6.79 13.50
C THR B 68 11.21 7.33 14.76
N GLU B 69 11.68 6.88 15.92
CA GLU B 69 11.29 7.50 17.18
C GLU B 69 11.85 8.90 17.30
N PHE B 70 11.04 9.83 17.81
CA PHE B 70 11.54 11.18 18.02
C PHE B 70 10.72 11.88 19.09
N THR B 71 11.28 12.95 19.63
CA THR B 71 10.63 13.80 20.62
C THR B 71 10.59 15.23 20.11
N PRO B 72 9.44 15.70 19.64
CA PRO B 72 9.37 17.04 19.07
C PRO B 72 9.59 18.10 20.12
N THR B 73 10.22 19.19 19.70
CA THR B 73 10.40 20.37 20.53
C THR B 73 9.88 21.57 19.75
N GLU B 74 9.94 22.74 20.38
CA GLU B 74 9.51 23.96 19.72
C GLU B 74 10.52 24.41 18.68
N LYS B 75 11.81 24.19 18.93
CA LYS B 75 12.86 24.72 18.07
C LYS B 75 13.31 23.74 17.00
N ASP B 76 13.22 22.44 17.25
CA ASP B 76 13.78 21.46 16.32
C ASP B 76 12.98 21.41 15.01
N GLU B 77 13.71 21.22 13.92
CA GLU B 77 13.11 21.09 12.59
C GLU B 77 13.33 19.68 12.07
N TYR B 78 12.30 19.13 11.45
CA TYR B 78 12.39 17.79 10.87
C TYR B 78 11.89 17.85 9.44
N ALA B 79 12.51 17.01 8.60
CA ALA B 79 12.11 16.97 7.21
C ALA B 79 12.40 15.57 6.68
N CYS B 80 11.95 15.33 5.45
CA CYS B 80 12.17 14.07 4.76
C CYS B 80 12.79 14.40 3.41
N ARG B 81 13.90 13.75 3.08
CA ARG B 81 14.55 13.99 1.79
C ARG B 81 14.45 12.73 0.93
N VAL B 82 13.91 12.91 -0.28
CA VAL B 82 13.57 11.80 -1.16
C VAL B 82 14.34 11.97 -2.46
N ASN B 83 14.97 10.89 -2.91
CA ASN B 83 15.62 10.85 -4.22
C ASN B 83 15.07 9.70 -5.03
N HIS B 84 14.74 9.98 -6.29
CA HIS B 84 14.13 9.04 -7.22
C HIS B 84 14.61 9.40 -8.61
N VAL B 85 14.57 8.42 -9.53
CA VAL B 85 15.07 8.70 -10.88
C VAL B 85 14.30 9.84 -11.53
N THR B 86 13.02 10.02 -11.18
CA THR B 86 12.22 11.08 -11.75
C THR B 86 12.62 12.47 -11.24
N LEU B 87 13.46 12.56 -10.22
CA LEU B 87 13.81 13.82 -9.58
C LEU B 87 15.17 14.30 -10.06
N SER B 88 15.21 15.49 -10.67
CA SER B 88 16.49 16.07 -11.09
C SER B 88 17.40 16.32 -9.89
N GLN B 89 16.84 16.63 -8.73
CA GLN B 89 17.59 16.76 -7.49
C GLN B 89 16.71 16.26 -6.36
N PRO B 90 17.32 15.84 -5.25
CA PRO B 90 16.52 15.36 -4.12
C PRO B 90 15.49 16.38 -3.67
N LYS B 91 14.37 15.88 -3.14
CA LYS B 91 13.25 16.72 -2.76
C LYS B 91 13.13 16.71 -1.24
N ILE B 92 13.05 17.89 -0.64
CA ILE B 92 12.95 18.03 0.81
C ILE B 92 11.53 18.48 1.13
N VAL B 93 10.90 17.80 2.08
CA VAL B 93 9.57 18.17 2.55
C VAL B 93 9.66 18.32 4.06
N LYS B 94 9.34 19.52 4.55
CA LYS B 94 9.49 19.77 5.98
C LYS B 94 8.29 19.24 6.75
N TRP B 95 8.54 18.79 7.98
CA TRP B 95 7.43 18.41 8.86
C TRP B 95 6.69 19.63 9.35
N ASP B 96 5.39 19.71 9.03
CA ASP B 96 4.46 20.71 9.54
C ASP B 96 3.45 19.97 10.42
N ARG B 97 3.49 20.24 11.73
CA ARG B 97 2.63 19.52 12.67
C ARG B 97 1.14 19.74 12.42
N ASP B 98 0.77 20.65 11.51
CA ASP B 98 -0.63 20.90 11.17
C ASP B 98 -1.07 20.20 9.90
N MET B 99 -0.28 19.25 9.40
CA MET B 99 -0.67 18.57 8.16
C MET B 99 -0.35 17.07 8.18
N ALA C 1 -2.37 -18.53 2.38
CA ALA C 1 -1.24 -19.29 1.87
C ALA C 1 -1.12 -19.10 0.37
N LEU C 2 0.12 -19.16 -0.12
CA LEU C 2 0.41 -18.89 -1.52
C LEU C 2 -0.20 -19.95 -2.43
N ILE C 3 -0.46 -19.55 -3.67
CA ILE C 3 -0.67 -20.55 -4.72
C ILE C 3 0.67 -21.19 -5.02
N GLY C 4 0.64 -22.42 -5.52
CA GLY C 4 1.88 -23.10 -5.85
C GLY C 4 2.73 -22.33 -6.84
N ALA C 5 4.03 -22.64 -6.83
CA ALA C 5 5.02 -21.90 -7.62
C ALA C 5 4.56 -21.68 -9.06
N SER C 6 4.84 -20.47 -9.55
CA SER C 6 4.34 -20.04 -10.84
C SER C 6 5.15 -20.67 -11.99
N ILE C 7 4.47 -20.90 -13.09
CA ILE C 7 5.15 -21.22 -14.35
C ILE C 7 5.52 -19.92 -15.05
N CYS C 8 6.49 -19.99 -15.98
CA CYS C 8 7.05 -18.80 -16.61
C CYS C 8 6.04 -18.06 -17.48
N PHE C 9 6.26 -16.75 -17.58
CA PHE C 9 5.57 -15.87 -18.52
C PHE C 9 6.04 -16.16 -19.94
#